data_2XSQ
#
_entry.id   2XSQ
#
_cell.length_a   141.583
_cell.length_b   141.583
_cell.length_c   141.583
_cell.angle_alpha   90.00
_cell.angle_beta   90.00
_cell.angle_gamma   90.00
#
_symmetry.space_group_name_H-M   'F 2 3'
#
loop_
_entity.id
_entity.type
_entity.pdbx_description
1 polymer 'U8 SNORNA-DECAPPING ENZYME'
2 non-polymer 'INOSINIC ACID'
3 non-polymer 'MAGNESIUM ION'
4 non-polymer 'CHLORIDE ION'
5 water water
#
_entity_poly.entity_id   1
_entity_poly.type   'polypeptide(L)'
_entity_poly.pdbx_seq_one_letter_code
;MHHHHHHSSGVDLGTENLYFQSMAGARRLELGEALALGSGWRHVCHALLYAPDPGMLFGRIPLRYAILMQMRFDGRLGFP
GGFVDTQDRSLEDGLNRELREELGEAAAAFRVERTDYRSSHVGSGPRVVAHFYAKRLTLEELLAVEAGATRAKDHGLEVL
GLVRVPLYTLRDGVGGLPTFLENSFIGSAREQLLEALQDLGLLQSGSISGLKIPAHH
;
_entity_poly.pdbx_strand_id   A
#
loop_
_chem_comp.id
_chem_comp.type
_chem_comp.name
_chem_comp.formula
CL non-polymer 'CHLORIDE ION' 'Cl -1'
IMP non-polymer 'INOSINIC ACID' 'C10 H13 N4 O8 P'
MG non-polymer 'MAGNESIUM ION' 'Mg 2'
#
# COMPACT_ATOMS: atom_id res chain seq x y z
N ALA A 26 -5.43 -1.74 16.29
CA ALA A 26 -4.06 -1.18 16.39
C ALA A 26 -4.08 0.26 16.89
N ARG A 27 -3.09 0.59 17.73
CA ARG A 27 -2.95 1.95 18.24
CA ARG A 27 -2.94 1.94 18.25
C ARG A 27 -2.16 2.81 17.25
N ARG A 28 -2.65 4.02 17.00
CA ARG A 28 -1.95 4.99 16.17
C ARG A 28 -0.91 5.72 17.00
N LEU A 29 0.29 5.89 16.43
CA LEU A 29 1.38 6.61 17.09
C LEU A 29 1.83 7.78 16.22
N GLU A 30 2.26 8.88 16.85
CA GLU A 30 2.90 9.96 16.10
CA GLU A 30 2.90 9.97 16.13
C GLU A 30 4.28 9.50 15.67
N LEU A 31 4.75 10.01 14.53
CA LEU A 31 6.02 9.54 13.95
C LEU A 31 7.20 9.71 14.93
N GLY A 32 7.23 10.83 15.64
CA GLY A 32 8.25 11.07 16.66
C GLY A 32 8.31 10.00 17.72
N GLU A 33 7.14 9.60 18.23
CA GLU A 33 7.04 8.51 19.21
C GLU A 33 7.55 7.18 18.65
N ALA A 34 7.16 6.86 17.41
CA ALA A 34 7.60 5.61 16.77
C ALA A 34 9.12 5.57 16.57
N LEU A 35 9.70 6.71 16.19
CA LEU A 35 11.13 6.81 15.95
C LEU A 35 11.96 6.78 17.25
N ALA A 36 11.29 6.99 18.40
CA ALA A 36 11.93 6.93 19.72
C ALA A 36 11.88 5.54 20.34
N LEU A 37 11.19 4.59 19.70
CA LEU A 37 11.12 3.21 20.21
C LEU A 37 12.51 2.57 20.23
N GLY A 38 12.75 1.71 21.22
CA GLY A 38 14.06 1.07 21.37
C GLY A 38 14.42 0.14 20.24
N SER A 39 15.69 -0.25 20.18
CA SER A 39 16.24 -1.04 19.06
C SER A 39 15.59 -2.42 18.87
N GLY A 40 14.96 -2.94 19.92
CA GLY A 40 14.23 -4.21 19.82
C GLY A 40 13.00 -4.15 18.93
N TRP A 41 12.49 -2.94 18.71
CA TRP A 41 11.34 -2.73 17.82
C TRP A 41 11.77 -2.77 16.35
N ARG A 42 11.00 -3.47 15.54
CA ARG A 42 11.23 -3.47 14.10
C ARG A 42 10.24 -2.52 13.46
N HIS A 43 10.67 -1.93 12.35
CA HIS A 43 9.84 -0.98 11.62
C HIS A 43 9.54 -1.58 10.26
N VAL A 44 8.27 -1.54 9.88
CA VAL A 44 7.82 -1.97 8.54
CA VAL A 44 7.82 -1.99 8.55
C VAL A 44 7.15 -0.80 7.87
N CYS A 45 7.32 -0.70 6.55
CA CYS A 45 6.77 0.39 5.75
C CYS A 45 6.03 -0.15 4.55
N HIS A 46 4.84 0.39 4.29
CA HIS A 46 4.03 0.00 3.13
C HIS A 46 3.50 1.24 2.44
N ALA A 47 3.24 1.11 1.13
CA ALA A 47 2.82 2.25 0.32
C ALA A 47 1.60 1.93 -0.52
N LEU A 48 0.67 2.87 -0.56
CA LEU A 48 -0.41 2.91 -1.52
C LEU A 48 0.06 3.76 -2.69
N LEU A 49 0.21 3.10 -3.83
CA LEU A 49 0.55 3.76 -5.09
C LEU A 49 -0.73 4.01 -5.87
N TYR A 50 -0.93 5.24 -6.31
CA TYR A 50 -2.12 5.57 -7.04
C TYR A 50 -1.85 6.55 -8.18
N ALA A 51 -2.75 6.54 -9.17
CA ALA A 51 -2.66 7.43 -10.34
C ALA A 51 -4.05 7.84 -10.77
N PRO A 52 -4.23 9.13 -11.12
CA PRO A 52 -5.52 9.49 -11.72
C PRO A 52 -5.83 8.71 -12.99
N ASP A 53 -7.08 8.34 -13.18
CA ASP A 53 -7.48 7.53 -14.31
C ASP A 53 -8.79 8.10 -14.85
N PRO A 54 -8.76 8.64 -16.08
CA PRO A 54 -9.96 9.23 -16.68
C PRO A 54 -10.90 8.18 -17.30
N GLY A 55 -10.53 6.91 -17.22
CA GLY A 55 -11.29 5.81 -17.81
C GLY A 55 -12.67 5.57 -17.21
N MET A 56 -13.50 4.86 -17.97
CA MET A 56 -14.88 4.59 -17.61
C MET A 56 -15.19 3.11 -17.82
N LEU A 57 -15.64 2.44 -16.76
CA LEU A 57 -16.05 1.05 -16.85
C LEU A 57 -17.41 0.98 -17.53
N PHE A 58 -17.51 0.07 -18.50
CA PHE A 58 -18.70 -0.09 -19.34
C PHE A 58 -19.11 1.21 -20.02
N GLY A 59 -18.13 2.10 -20.24
CA GLY A 59 -18.37 3.42 -20.81
C GLY A 59 -19.21 4.39 -19.99
N ARG A 60 -19.48 4.08 -18.71
CA ARG A 60 -20.33 4.96 -17.89
C ARG A 60 -19.92 5.14 -16.42
N ILE A 61 -19.10 4.25 -15.87
CA ILE A 61 -18.73 4.31 -14.46
C ILE A 61 -17.31 4.88 -14.33
N PRO A 62 -17.15 6.08 -13.76
CA PRO A 62 -15.81 6.64 -13.64
C PRO A 62 -14.92 5.80 -12.74
N LEU A 63 -13.74 5.44 -13.23
CA LEU A 63 -12.75 4.70 -12.44
C LEU A 63 -12.10 5.60 -11.37
N ARG A 64 -11.92 6.88 -11.73
CA ARG A 64 -11.35 7.93 -10.89
C ARG A 64 -9.83 7.79 -10.65
N TYR A 65 -9.42 6.68 -10.04
CA TYR A 65 -7.99 6.40 -9.79
C TYR A 65 -7.70 4.91 -9.98
N ALA A 66 -6.47 4.62 -10.42
CA ALA A 66 -5.89 3.30 -10.30
C ALA A 66 -5.12 3.26 -8.99
N ILE A 67 -5.46 2.32 -8.11
CA ILE A 67 -4.85 2.19 -6.79
C ILE A 67 -4.43 0.74 -6.66
N LEU A 68 -3.16 0.51 -6.34
CA LEU A 68 -2.61 -0.85 -6.27
C LEU A 68 -2.62 -1.45 -4.89
N MET A 69 -3.06 -2.70 -4.82
CA MET A 69 -2.76 -3.59 -3.72
C MET A 69 -2.15 -4.90 -4.26
N GLN A 70 -1.79 -5.80 -3.36
CA GLN A 70 -1.27 -7.11 -3.75
C GLN A 70 -1.93 -8.23 -2.97
N MET A 71 -2.12 -9.35 -3.66
CA MET A 71 -2.43 -10.59 -2.99
C MET A 71 -1.12 -11.19 -2.46
N ARG A 72 -1.11 -11.43 -1.16
CA ARG A 72 0.07 -11.92 -0.46
C ARG A 72 0.08 -13.45 -0.38
N PHE A 73 1.26 -13.98 -0.06
CA PHE A 73 1.48 -15.42 0.15
C PHE A 73 0.51 -16.04 1.15
N ASP A 74 0.01 -15.25 2.10
CA ASP A 74 -0.90 -15.79 3.12
C ASP A 74 -2.39 -15.72 2.75
N GLY A 75 -2.68 -15.37 1.49
CA GLY A 75 -4.04 -15.30 1.01
C GLY A 75 -4.78 -14.03 1.35
N ARG A 76 -4.05 -13.06 1.93
CA ARG A 76 -4.61 -11.74 2.29
C ARG A 76 -4.16 -10.65 1.35
N LEU A 77 -5.04 -9.65 1.19
CA LEU A 77 -4.68 -8.42 0.47
C LEU A 77 -3.88 -7.50 1.38
N GLY A 78 -2.85 -6.89 0.82
CA GLY A 78 -2.07 -5.88 1.50
C GLY A 78 -1.42 -4.92 0.54
N PHE A 79 -0.56 -4.08 1.10
CA PHE A 79 0.19 -3.11 0.33
C PHE A 79 1.65 -3.54 0.14
N PRO A 80 2.27 -3.10 -0.97
CA PRO A 80 3.68 -3.42 -1.14
C PRO A 80 4.54 -2.69 -0.12
N GLY A 81 5.63 -3.32 0.27
CA GLY A 81 6.53 -2.78 1.29
C GLY A 81 7.24 -3.89 2.03
N GLY A 82 7.75 -3.56 3.21
CA GLY A 82 8.42 -4.53 4.04
C GLY A 82 9.27 -3.92 5.13
N PHE A 83 10.14 -4.74 5.72
CA PHE A 83 10.91 -4.35 6.89
C PHE A 83 12.09 -3.45 6.57
N VAL A 84 12.23 -2.41 7.38
CA VAL A 84 13.43 -1.60 7.43
C VAL A 84 14.51 -2.45 8.09
N ASP A 85 15.74 -2.44 7.55
CA ASP A 85 16.82 -3.23 8.13
C ASP A 85 17.89 -2.33 8.76
N THR A 86 18.91 -2.94 9.35
CA THR A 86 19.92 -2.19 10.11
C THR A 86 20.80 -1.26 9.27
N GLN A 87 20.77 -1.43 7.94
CA GLN A 87 21.57 -0.60 7.04
C GLN A 87 20.78 0.40 6.20
N ASP A 88 19.47 0.51 6.43
CA ASP A 88 18.70 1.60 5.87
C ASP A 88 18.97 2.86 6.69
N ARG A 89 19.38 3.93 6.03
CA ARG A 89 19.65 5.21 6.71
C ARG A 89 18.37 5.99 7.10
N SER A 90 17.23 5.60 6.55
CA SER A 90 15.95 6.21 6.84
C SER A 90 14.81 5.23 6.60
N LEU A 91 13.64 5.52 7.17
CA LEU A 91 12.43 4.76 6.87
C LEU A 91 12.18 4.70 5.38
N GLU A 92 12.36 5.83 4.71
CA GLU A 92 12.06 5.96 3.30
C GLU A 92 13.05 5.16 2.45
N ASP A 93 14.33 5.14 2.83
CA ASP A 93 15.28 4.27 2.14
C ASP A 93 14.87 2.79 2.23
N GLY A 94 14.42 2.37 3.41
CA GLY A 94 13.95 1.01 3.60
C GLY A 94 12.71 0.72 2.76
N LEU A 95 11.74 1.63 2.80
CA LEU A 95 10.52 1.50 1.98
C LEU A 95 10.82 1.33 0.49
N ASN A 96 11.62 2.23 -0.07
CA ASN A 96 11.92 2.18 -1.50
C ASN A 96 12.71 0.92 -1.87
N ARG A 97 13.60 0.48 -1.00
CA ARG A 97 14.35 -0.76 -1.23
C ARG A 97 13.40 -1.95 -1.30
N GLU A 98 12.47 -2.02 -0.35
CA GLU A 98 11.50 -3.11 -0.31
C GLU A 98 10.52 -3.04 -1.50
N LEU A 99 10.03 -1.85 -1.83
CA LEU A 99 9.13 -1.70 -2.96
C LEU A 99 9.76 -2.26 -4.23
N ARG A 100 11.05 -2.01 -4.41
CA ARG A 100 11.72 -2.40 -5.64
C ARG A 100 11.95 -3.91 -5.68
N GLU A 101 12.17 -4.52 -4.53
CA GLU A 101 12.22 -6.00 -4.44
C GLU A 101 10.86 -6.65 -4.76
N GLU A 102 9.82 -6.04 -4.22
CA GLU A 102 8.43 -6.47 -4.35
C GLU A 102 7.87 -6.34 -5.73
N LEU A 103 8.16 -5.20 -6.36
CA LEU A 103 7.47 -4.77 -7.56
C LEU A 103 8.34 -4.75 -8.81
N GLY A 104 9.66 -4.72 -8.62
CA GLY A 104 10.60 -4.74 -9.75
C GLY A 104 11.11 -3.38 -10.19
N GLU A 105 11.83 -3.37 -11.31
CA GLU A 105 12.56 -2.18 -11.79
C GLU A 105 11.72 -0.94 -12.05
N ALA A 106 10.46 -1.10 -12.47
CA ALA A 106 9.62 0.07 -12.73
C ALA A 106 9.37 0.92 -11.48
N ALA A 107 9.53 0.32 -10.30
CA ALA A 107 9.38 1.06 -9.03
C ALA A 107 10.59 1.97 -8.81
N ALA A 108 11.69 1.74 -9.53
CA ALA A 108 12.84 2.62 -9.46
C ALA A 108 12.64 3.94 -10.22
N ALA A 109 11.51 4.09 -10.91
CA ALA A 109 11.18 5.35 -11.60
C ALA A 109 10.76 6.48 -10.64
N PHE A 110 10.53 6.14 -9.37
CA PHE A 110 10.08 7.11 -8.38
C PHE A 110 10.66 6.79 -7.01
N ARG A 111 10.59 7.76 -6.10
CA ARG A 111 10.89 7.53 -4.70
C ARG A 111 9.71 7.98 -3.87
N VAL A 112 9.32 7.15 -2.93
CA VAL A 112 8.37 7.57 -1.91
C VAL A 112 9.18 8.33 -0.87
N GLU A 113 8.68 9.48 -0.42
CA GLU A 113 9.44 10.33 0.47
C GLU A 113 8.65 10.65 1.76
N ARG A 114 9.30 11.31 2.70
CA ARG A 114 8.65 11.72 3.96
C ARG A 114 7.39 12.56 3.74
N THR A 115 7.35 13.36 2.67
CA THR A 115 6.16 14.14 2.32
C THR A 115 4.96 13.24 1.98
N ASP A 116 5.21 11.97 1.68
CA ASP A 116 4.16 11.01 1.36
C ASP A 116 3.68 10.21 2.59
N TYR A 117 4.34 10.42 3.73
CA TYR A 117 4.01 9.71 4.97
C TYR A 117 2.60 10.07 5.42
N ARG A 118 1.89 9.05 5.92
CA ARG A 118 0.52 9.25 6.40
C ARG A 118 0.31 8.85 7.86
N SER A 119 0.85 7.70 8.28
CA SER A 119 0.53 7.16 9.61
C SER A 119 1.51 6.11 10.11
N SER A 120 1.49 5.89 11.43
CA SER A 120 2.19 4.80 12.07
C SER A 120 1.23 4.11 13.04
N HIS A 121 1.23 2.78 13.04
CA HIS A 121 0.37 1.97 13.92
C HIS A 121 1.14 0.86 14.61
N VAL A 122 0.75 0.55 15.84
CA VAL A 122 1.26 -0.62 16.52
C VAL A 122 0.11 -1.54 16.87
N GLY A 123 0.20 -2.79 16.43
CA GLY A 123 -0.79 -3.81 16.75
C GLY A 123 -0.38 -4.56 18.00
N SER A 124 -1.13 -5.61 18.31
CA SER A 124 -0.80 -6.47 19.45
C SER A 124 0.23 -7.50 19.02
N GLY A 125 0.95 -8.06 20.00
CA GLY A 125 1.87 -9.15 19.73
C GLY A 125 3.30 -8.66 19.53
N PRO A 126 3.92 -9.01 18.39
CA PRO A 126 5.33 -8.65 18.18
C PRO A 126 5.60 -7.15 18.18
N ARG A 127 6.83 -6.79 18.54
CA ARG A 127 7.30 -5.42 18.52
C ARG A 127 7.55 -4.97 17.09
N VAL A 128 6.47 -4.57 16.42
CA VAL A 128 6.54 -4.05 15.06
C VAL A 128 5.72 -2.78 15.00
N VAL A 129 6.28 -1.73 14.41
CA VAL A 129 5.51 -0.52 14.10
C VAL A 129 5.39 -0.45 12.58
N ALA A 130 4.17 -0.21 12.11
CA ALA A 130 3.84 -0.18 10.68
C ALA A 130 3.60 1.25 10.19
N HIS A 131 4.49 1.74 9.34
CA HIS A 131 4.37 3.07 8.75
C HIS A 131 3.70 2.99 7.39
N PHE A 132 2.81 3.92 7.10
CA PHE A 132 2.05 3.93 5.87
C PHE A 132 2.24 5.23 5.10
N TYR A 133 2.39 5.06 3.77
CA TYR A 133 2.62 6.15 2.83
C TYR A 133 1.67 6.02 1.65
N ALA A 134 1.38 7.15 1.01
CA ALA A 134 0.64 7.16 -0.23
C ALA A 134 1.40 8.02 -1.24
N LYS A 135 1.62 7.46 -2.42
CA LYS A 135 2.45 8.07 -3.46
C LYS A 135 1.69 8.17 -4.77
N ARG A 136 1.59 9.41 -5.28
CA ARG A 136 0.98 9.66 -6.56
C ARG A 136 1.94 9.38 -7.70
N LEU A 137 1.45 8.62 -8.67
CA LEU A 137 2.17 8.31 -9.90
C LEU A 137 1.36 8.85 -11.07
N THR A 138 1.99 8.93 -12.24
CA THR A 138 1.21 9.07 -13.46
C THR A 138 0.61 7.71 -13.80
N LEU A 139 -0.45 7.70 -14.59
CA LEU A 139 -1.02 6.43 -14.98
C LEU A 139 -0.03 5.58 -15.75
N GLU A 140 0.82 6.20 -16.58
CA GLU A 140 1.85 5.44 -17.30
C GLU A 140 2.85 4.79 -16.34
N GLU A 141 3.26 5.50 -15.29
CA GLU A 141 4.15 4.92 -14.26
C GLU A 141 3.52 3.73 -13.53
N LEU A 142 2.24 3.87 -13.22
CA LEU A 142 1.52 2.81 -12.50
C LEU A 142 1.36 1.56 -13.38
N LEU A 143 0.95 1.78 -14.63
CA LEU A 143 0.88 0.68 -15.61
C LEU A 143 2.22 -0.02 -15.78
N ALA A 144 3.31 0.77 -15.79
CA ALA A 144 4.66 0.19 -15.91
C ALA A 144 5.02 -0.69 -14.72
N VAL A 145 4.61 -0.28 -13.52
CA VAL A 145 4.76 -1.12 -12.34
C VAL A 145 4.00 -2.42 -12.53
N GLU A 146 2.73 -2.35 -12.93
CA GLU A 146 1.96 -3.58 -13.18
C GLU A 146 2.63 -4.45 -14.25
N ALA A 147 3.07 -3.81 -15.34
CA ALA A 147 3.63 -4.52 -16.51
C ALA A 147 4.94 -5.25 -16.24
N GLY A 148 5.67 -4.79 -15.22
CA GLY A 148 6.95 -5.37 -14.87
C GLY A 148 6.97 -6.25 -13.64
N ALA A 149 5.85 -6.34 -12.93
CA ALA A 149 5.84 -6.98 -11.61
C ALA A 149 6.17 -8.47 -11.63
N THR A 150 5.90 -9.17 -12.75
CA THR A 150 6.23 -10.60 -12.81
C THR A 150 7.73 -10.88 -12.78
N ARG A 151 8.56 -9.87 -13.03
CA ARG A 151 10.01 -10.06 -13.00
C ARG A 151 10.61 -9.70 -11.64
N ALA A 152 9.78 -9.24 -10.72
CA ALA A 152 10.23 -8.91 -9.38
C ALA A 152 10.70 -10.16 -8.66
N LYS A 153 11.70 -9.96 -7.82
CA LYS A 153 12.25 -10.97 -6.94
C LYS A 153 11.12 -11.73 -6.21
N ASP A 154 10.17 -10.99 -5.67
CA ASP A 154 9.12 -11.59 -4.82
C ASP A 154 7.94 -12.22 -5.60
N HIS A 155 7.89 -12.08 -6.93
CA HIS A 155 6.74 -12.58 -7.68
C HIS A 155 6.61 -14.11 -7.62
N GLY A 156 5.44 -14.59 -7.25
CA GLY A 156 5.20 -16.02 -7.08
C GLY A 156 5.75 -16.61 -5.80
N LEU A 157 6.23 -15.74 -4.90
CA LEU A 157 6.69 -16.16 -3.58
C LEU A 157 5.86 -15.33 -2.57
N GLU A 158 6.40 -14.21 -2.06
CA GLU A 158 5.67 -13.35 -1.13
CA GLU A 158 5.63 -13.41 -1.12
C GLU A 158 4.49 -12.63 -1.80
N VAL A 159 4.64 -12.33 -3.10
CA VAL A 159 3.62 -11.58 -3.86
C VAL A 159 3.00 -12.51 -4.89
N LEU A 160 1.69 -12.74 -4.76
CA LEU A 160 0.96 -13.65 -5.66
C LEU A 160 0.36 -12.91 -6.87
N GLY A 161 0.31 -11.59 -6.80
CA GLY A 161 -0.19 -10.76 -7.90
C GLY A 161 -0.63 -9.39 -7.42
N LEU A 162 -0.57 -8.40 -8.31
CA LEU A 162 -1.09 -7.06 -8.03
C LEU A 162 -2.54 -6.96 -8.47
N VAL A 163 -3.34 -6.17 -7.75
CA VAL A 163 -4.71 -5.89 -8.13
C VAL A 163 -5.01 -4.42 -7.94
N ARG A 164 -5.90 -3.90 -8.76
CA ARG A 164 -6.42 -2.54 -8.56
C ARG A 164 -7.63 -2.62 -7.64
N VAL A 165 -7.87 -1.53 -6.92
CA VAL A 165 -9.01 -1.42 -6.03
C VAL A 165 -10.18 -0.79 -6.78
N PRO A 166 -11.34 -1.47 -6.83
CA PRO A 166 -12.49 -0.85 -7.50
C PRO A 166 -13.06 0.21 -6.57
N LEU A 167 -13.20 1.43 -7.07
CA LEU A 167 -13.57 2.57 -6.23
C LEU A 167 -15.06 2.90 -6.29
N TYR A 168 -15.73 2.33 -7.26
CA TYR A 168 -17.16 2.56 -7.55
C TYR A 168 -18.01 1.51 -6.83
N THR A 169 -19.30 1.78 -6.73
CA THR A 169 -20.26 0.79 -6.26
C THR A 169 -21.21 0.56 -7.42
N LEU A 170 -21.43 -0.70 -7.77
CA LEU A 170 -22.27 -1.05 -8.91
C LEU A 170 -23.75 -0.87 -8.55
N ARG A 171 -24.62 -1.05 -9.54
CA ARG A 171 -26.06 -0.75 -9.38
C ARG A 171 -26.75 -1.55 -8.28
N ASP A 172 -26.31 -2.79 -8.03
CA ASP A 172 -26.88 -3.60 -6.95
C ASP A 172 -26.55 -3.11 -5.53
N GLY A 173 -25.73 -2.07 -5.43
CA GLY A 173 -25.33 -1.48 -4.15
C GLY A 173 -24.29 -2.29 -3.39
N VAL A 174 -23.76 -3.33 -4.03
CA VAL A 174 -22.91 -4.30 -3.35
C VAL A 174 -21.61 -4.52 -4.13
N GLY A 175 -21.72 -4.75 -5.42
CA GLY A 175 -20.55 -4.95 -6.29
C GLY A 175 -19.61 -3.76 -6.32
N GLY A 176 -18.31 -4.05 -6.45
CA GLY A 176 -17.31 -2.99 -6.48
C GLY A 176 -16.65 -2.86 -5.12
N LEU A 177 -16.45 -1.62 -4.67
CA LEU A 177 -15.74 -1.36 -3.42
C LEU A 177 -16.30 -2.10 -2.19
N PRO A 178 -17.64 -2.10 -2.00
CA PRO A 178 -18.14 -2.75 -0.78
C PRO A 178 -17.78 -4.24 -0.70
N THR A 179 -17.83 -4.92 -1.84
CA THR A 179 -17.47 -6.33 -1.91
C THR A 179 -15.96 -6.51 -1.79
N PHE A 180 -15.19 -5.66 -2.46
CA PHE A 180 -13.74 -5.70 -2.33
C PHE A 180 -13.32 -5.64 -0.85
N LEU A 181 -13.99 -4.79 -0.08
CA LEU A 181 -13.69 -4.60 1.34
C LEU A 181 -14.06 -5.80 2.21
N GLU A 182 -14.85 -6.73 1.65
CA GLU A 182 -15.17 -7.99 2.35
C GLU A 182 -14.12 -9.08 2.18
N ASN A 183 -13.10 -8.85 1.35
CA ASN A 183 -11.96 -9.76 1.25
C ASN A 183 -11.11 -9.74 2.52
N SER A 184 -10.17 -10.67 2.61
CA SER A 184 -9.26 -10.77 3.75
C SER A 184 -8.08 -9.81 3.61
N PHE A 185 -7.78 -9.05 4.66
CA PHE A 185 -6.69 -8.04 4.64
C PHE A 185 -5.70 -8.31 5.76
N ILE A 186 -4.44 -8.00 5.51
CA ILE A 186 -3.37 -8.16 6.49
C ILE A 186 -3.33 -6.98 7.47
N GLY A 187 -3.21 -7.28 8.75
CA GLY A 187 -3.03 -6.26 9.78
C GLY A 187 -4.01 -5.12 9.65
N SER A 188 -3.47 -3.90 9.58
CA SER A 188 -4.27 -2.67 9.50
CA SER A 188 -4.28 -2.68 9.49
C SER A 188 -4.47 -2.18 8.05
N ALA A 189 -4.20 -3.05 7.07
CA ALA A 189 -4.28 -2.61 5.67
C ALA A 189 -5.65 -2.07 5.23
N ARG A 190 -6.74 -2.67 5.73
CA ARG A 190 -8.08 -2.20 5.34
C ARG A 190 -8.33 -0.78 5.87
N GLU A 191 -7.87 -0.52 7.09
CA GLU A 191 -8.00 0.80 7.71
C GLU A 191 -7.14 1.84 7.02
N GLN A 192 -5.92 1.43 6.64
CA GLN A 192 -5.02 2.30 5.88
C GLN A 192 -5.64 2.67 4.53
N LEU A 193 -6.21 1.69 3.83
CA LEU A 193 -6.91 1.94 2.57
C LEU A 193 -8.04 2.96 2.76
N LEU A 194 -8.91 2.70 3.73
CA LEU A 194 -10.09 3.52 3.93
C LEU A 194 -9.70 4.95 4.31
N GLU A 195 -8.66 5.11 5.13
CA GLU A 195 -8.18 6.45 5.49
C GLU A 195 -7.68 7.20 4.25
N ALA A 196 -6.95 6.48 3.39
CA ALA A 196 -6.46 7.08 2.14
C ALA A 196 -7.61 7.44 1.19
N LEU A 197 -8.59 6.56 1.06
CA LEU A 197 -9.74 6.85 0.19
C LEU A 197 -10.51 8.09 0.68
N GLN A 198 -10.69 8.19 1.99
CA GLN A 198 -11.28 9.38 2.59
C GLN A 198 -10.46 10.63 2.24
N ASP A 199 -9.15 10.56 2.42
CA ASP A 199 -8.28 11.70 2.17
C ASP A 199 -8.34 12.15 0.70
N LEU A 200 -8.58 11.20 -0.20
CA LEU A 200 -8.74 11.47 -1.64
C LEU A 200 -10.14 11.99 -2.02
N GLY A 201 -11.06 12.02 -1.07
CA GLY A 201 -12.42 12.50 -1.31
C GLY A 201 -13.33 11.49 -2.00
N LEU A 202 -13.02 10.20 -1.85
CA LEU A 202 -13.73 9.14 -2.58
C LEU A 202 -14.90 8.55 -1.79
N LEU A 203 -15.05 8.94 -0.52
CA LEU A 203 -16.09 8.40 0.37
C LEU A 203 -17.08 9.50 0.79
N GLN A 204 -17.32 10.47 -0.08
CA GLN A 204 -18.21 11.61 0.22
C GLN A 204 -19.67 11.18 0.21
P IMP B . 4.61 -9.86 6.69
O1P IMP B . 4.42 -9.14 5.36
O2P IMP B . 6.06 -10.27 6.81
O3P IMP B . 3.68 -11.04 6.83
O5' IMP B . 4.22 -8.87 7.89
C5' IMP B . 5.20 -8.11 8.55
C4' IMP B . 4.52 -7.01 9.35
O4' IMP B . 3.96 -6.07 8.46
C3' IMP B . 3.37 -7.50 10.23
O3' IMP B . 3.35 -6.75 11.43
C2' IMP B . 2.14 -7.24 9.37
O2' IMP B . 0.94 -7.05 10.07
C1' IMP B . 2.56 -5.96 8.67
N9 IMP B . 1.97 -5.71 7.35
C8 IMP B . 2.15 -6.45 6.19
N7 IMP B . 1.47 -5.83 5.20
C5 IMP B . 0.89 -4.72 5.70
C6 IMP B . 0.12 -3.71 5.13
O6 IMP B . -0.11 -3.68 3.89
N1 IMP B . -0.31 -2.70 5.94
C2 IMP B . 0.00 -2.64 7.29
N3 IMP B . 0.78 -3.62 7.85
C4 IMP B . 1.21 -4.63 7.05
MG MG C . 6.93 -6.95 0.74
MG MG D . 10.67 -7.87 2.05
CL CL E . -23.78 -1.81 -12.94
#